data_6FCS
#
_entry.id   6FCS
#
_cell.length_a   166.873
_cell.length_b   166.873
_cell.length_c   54.509
_cell.angle_alpha   90.00
_cell.angle_beta   90.00
_cell.angle_gamma   120.00
#
_symmetry.space_group_name_H-M   'P 63'
#
loop_
_entity.id
_entity.type
_entity.pdbx_description
1 polymer 'Soluble lytic murein transglycosylase'
2 polymer ALA-DGL-API-DAL-DAL
3 branched '2-acetamido-2-deoxy-beta-D-glucopyranose-(1-4)-N-acetyl-beta-muramic acid-(1-4)-2-acetamido-2-deoxy-beta-D-glucopyranose-(1-4)-methyl 2-acetamido-2-deoxy-beta-D-glucopyranoside'
4 branched '2-acetamido-2-deoxy-beta-D-glucopyranose-(1-4)-2-acetamido-3-O-[(2R)-1-amino-1-oxopropan-2-yl]-2-deoxy-beta-D-glucopyranose-(1-4)-2-acetamido-2-deoxy-beta-D-glucopyranose-(1-4)-methyl 2-acetamido-3-O-[(1R)-1-carboxyethyl]-2-deoxy-beta-D-glucopyranoside'
5 non-polymer 'ACETATE ION'
6 non-polymer L-alaninamide
7 water water
#
loop_
_entity_poly.entity_id
_entity_poly.type
_entity_poly.pdbx_seq_one_letter_code
_entity_poly.pdbx_strand_id
1 'polypeptide(L)'
;QRRLYDQAKAALAKGNSAPYMASRSALRDYPLEPYLAYDELTHRLKSASNEEVERFLTEHGDLPQIGWLKLRWLRLLADR
GDWKTFVNYYDPKLNFTELDCLYGQYQLGHGQKAEGYATSERLWLVGKSQPAACDTLFGLWQGEGQLTEEKVWKRLKLAA
EARNYSLASHLAQRLPTLGNQGALMVSVAQNPAQLSQTGRFSQRDHATADVVGLGLRRLARQDPEKALSLLDYYSSALPF
SSDEKVAIAREIGLSLAKRFDPRALPLMTQYDPGLRDNTVTEWRTRLLLRLGRWDEAYALTRKLPQDLAATSRWRYWQAR
SLQLAQPNSKEPIALYQKLAGERDFYGFLAADRLSVPYKLGNRPAHIDPRVLQRVRNAASTRRAMEFFNRGEVINARREW
YHAARLFDRDELIAQARLAYDMQWYFPAIRSISQAQYWDDLDIRFPMAHRATLVREAKNRGLHSSWIFAITRQQSAFMSD
ARSGVGATGLMQLMPGTAKETSRKFGIPLASTQQLIVPDVNIRLGAAYLSQVHSQFNGNRVLASAAYNAGPGRVRQWLKD
TRHLAFDVWIETIPFDETRQYVQNVLSYAVIYGQKLNAPQPIVDWHERYFDDF
;
A
2 'polypeptide(D)' A(DGL)(API)(DAL)(DAL) B
#
# COMPACT_ATOMS: atom_id res chain seq x y z
N GLN A 1 42.98 -10.81 -2.69
CA GLN A 1 42.52 -11.90 -3.62
C GLN A 1 40.97 -11.94 -3.69
N ARG A 2 40.39 -13.14 -3.76
CA ARG A 2 38.95 -13.32 -3.80
C ARG A 2 38.67 -14.66 -3.10
N ARG A 3 37.49 -14.81 -2.50
CA ARG A 3 37.29 -15.87 -1.50
C ARG A 3 36.29 -16.97 -1.92
N LEU A 4 36.77 -18.22 -1.87
CA LEU A 4 35.93 -19.42 -1.93
C LEU A 4 35.28 -19.63 -0.55
N TYR A 5 34.31 -18.77 -0.23
CA TYR A 5 33.61 -18.78 1.05
C TYR A 5 32.35 -19.66 1.00
N ASP A 6 31.99 -20.12 -0.21
CA ASP A 6 30.86 -21.04 -0.42
C ASP A 6 31.13 -22.41 0.20
N GLN A 7 32.42 -22.76 0.35
CA GLN A 7 32.82 -23.94 1.10
C GLN A 7 32.40 -23.81 2.57
N ALA A 8 32.73 -22.67 3.16
CA ALA A 8 32.35 -22.34 4.55
C ALA A 8 30.84 -22.19 4.76
N LYS A 9 30.15 -21.64 3.76
CA LYS A 9 28.69 -21.49 3.77
C LYS A 9 27.98 -22.84 3.65
N ALA A 10 28.38 -23.63 2.66
CA ALA A 10 27.75 -24.94 2.37
C ALA A 10 27.88 -25.91 3.54
N ALA A 11 29.05 -25.95 4.18
CA ALA A 11 29.26 -26.76 5.38
C ALA A 11 28.42 -26.27 6.56
N LEU A 12 28.36 -24.95 6.76
CA LEU A 12 27.53 -24.35 7.81
C LEU A 12 26.04 -24.58 7.56
N ALA A 13 25.61 -24.16 6.36
CA ALA A 13 24.24 -24.30 5.88
C ALA A 13 23.90 -25.78 5.94
N LYS A 14 23.25 -26.16 7.04
CA LYS A 14 23.05 -27.56 7.42
C LYS A 14 24.40 -28.26 7.62
N GLY A 15 25.02 -28.05 8.79
CA GLY A 15 26.19 -28.85 9.15
C GLY A 15 27.17 -28.33 10.19
N ASN A 16 28.42 -28.18 9.74
CA ASN A 16 29.60 -28.07 10.61
C ASN A 16 30.33 -26.76 10.35
N SER A 17 30.99 -26.25 11.38
CA SER A 17 31.71 -24.99 11.33
C SER A 17 33.21 -25.10 10.96
N ALA A 18 33.70 -26.33 10.77
CA ALA A 18 35.16 -26.57 10.60
C ALA A 18 35.80 -25.82 9.43
N PRO A 19 35.16 -25.83 8.24
CA PRO A 19 35.70 -25.00 7.16
C PRO A 19 35.62 -23.50 7.43
N TYR A 20 34.57 -23.06 8.14
CA TYR A 20 34.46 -21.65 8.54
C TYR A 20 35.52 -21.28 9.57
N MET A 21 35.69 -22.10 10.60
CA MET A 21 36.72 -21.87 11.64
C MET A 21 38.15 -21.86 11.07
N ALA A 22 38.38 -22.72 10.07
CA ALA A 22 39.63 -22.72 9.31
C ALA A 22 39.81 -21.41 8.57
N SER A 23 38.82 -21.09 7.73
CA SER A 23 38.93 -19.99 6.77
C SER A 23 38.77 -18.57 7.32
N ARG A 24 38.16 -18.41 8.49
CA ARG A 24 37.78 -17.05 8.97
C ARG A 24 38.89 -16.00 8.88
N SER A 25 40.10 -16.39 9.28
CA SER A 25 41.26 -15.49 9.27
C SER A 25 41.62 -14.98 7.86
N ALA A 26 41.39 -15.81 6.85
CA ALA A 26 41.40 -15.35 5.45
C ALA A 26 40.25 -14.35 5.19
N LEU A 27 39.05 -14.72 5.66
CA LEU A 27 37.82 -13.95 5.41
C LEU A 27 37.59 -12.67 6.26
N ARG A 28 38.51 -12.31 7.16
CA ARG A 28 38.33 -11.14 8.06
C ARG A 28 37.91 -9.84 7.37
N ASP A 29 38.47 -9.57 6.18
CA ASP A 29 38.18 -8.36 5.41
C ASP A 29 37.05 -8.54 4.40
N TYR A 30 36.73 -9.79 4.06
CA TYR A 30 35.57 -10.10 3.21
C TYR A 30 34.26 -9.59 3.85
N PRO A 31 33.49 -8.76 3.11
CA PRO A 31 32.30 -8.10 3.69
C PRO A 31 31.13 -9.02 4.15
N LEU A 32 30.95 -10.19 3.51
CA LEU A 32 29.91 -11.17 3.87
C LEU A 32 30.29 -12.13 4.99
N GLU A 33 31.52 -12.00 5.51
CA GLU A 33 31.97 -12.82 6.63
C GLU A 33 30.98 -12.84 7.81
N PRO A 34 30.36 -11.68 8.16
CA PRO A 34 29.31 -11.67 9.19
C PRO A 34 27.97 -12.39 8.91
N TYR A 35 27.77 -12.96 7.71
CA TYR A 35 26.63 -13.89 7.44
C TYR A 35 26.94 -15.32 7.92
N LEU A 36 28.21 -15.73 7.83
CA LEU A 36 28.69 -17.03 8.33
C LEU A 36 28.71 -17.10 9.87
N ALA A 37 29.36 -16.11 10.49
CA ALA A 37 29.38 -15.90 11.96
C ALA A 37 27.98 -15.91 12.56
N TYR A 38 27.04 -15.21 11.89
CA TYR A 38 25.63 -15.19 12.28
C TYR A 38 25.09 -16.61 12.31
N ASP A 39 25.16 -17.28 11.16
CA ASP A 39 24.68 -18.67 11.02
C ASP A 39 25.36 -19.62 12.04
N GLU A 40 26.68 -19.47 12.20
CA GLU A 40 27.47 -20.28 13.13
C GLU A 40 27.02 -20.12 14.59
N LEU A 41 26.74 -18.88 14.99
CA LEU A 41 26.20 -18.58 16.32
C LEU A 41 24.74 -19.05 16.46
N THR A 42 23.94 -18.84 15.43
CA THR A 42 22.52 -19.23 15.42
C THR A 42 22.29 -20.74 15.63
N HIS A 43 23.17 -21.58 15.07
CA HIS A 43 23.09 -23.05 15.21
C HIS A 43 23.32 -23.51 16.66
N ARG A 44 24.28 -22.87 17.34
CA ARG A 44 24.61 -23.16 18.75
C ARG A 44 24.08 -22.09 19.72
N LEU A 45 23.00 -21.43 19.34
CA LEU A 45 22.49 -20.27 20.08
C LEU A 45 22.06 -20.64 21.49
N LYS A 46 21.52 -21.85 21.67
CA LYS A 46 21.00 -22.26 22.98
C LYS A 46 22.10 -22.39 24.07
N SER A 47 23.28 -22.88 23.68
CA SER A 47 24.42 -23.02 24.58
C SER A 47 25.31 -21.76 24.69
N ALA A 48 25.12 -20.78 23.82
CA ALA A 48 25.97 -19.58 23.80
C ALA A 48 25.72 -18.68 25.02
N SER A 49 26.77 -18.00 25.47
CA SER A 49 26.69 -17.10 26.63
C SER A 49 25.99 -15.82 26.26
N ASN A 50 25.49 -15.10 27.26
CA ASN A 50 24.97 -13.75 27.08
C ASN A 50 26.05 -12.87 26.47
N GLU A 51 27.21 -12.82 27.12
CA GLU A 51 28.34 -11.95 26.71
C GLU A 51 28.77 -12.13 25.25
N GLU A 52 28.76 -13.36 24.75
CA GLU A 52 29.08 -13.61 23.32
C GLU A 52 28.00 -13.06 22.39
N VAL A 53 26.74 -13.26 22.75
CA VAL A 53 25.62 -12.81 21.94
C VAL A 53 25.53 -11.27 21.99
N GLU A 54 25.64 -10.69 23.18
CA GLU A 54 25.63 -9.21 23.35
C GLU A 54 26.72 -8.54 22.51
N ARG A 55 27.94 -9.08 22.61
CA ARG A 55 29.08 -8.68 21.80
C ARG A 55 28.80 -8.76 20.30
N PHE A 56 28.12 -9.82 19.87
CA PHE A 56 27.73 -9.98 18.46
C PHE A 56 26.71 -8.94 18.01
N LEU A 57 25.75 -8.62 18.87
CA LEU A 57 24.75 -7.60 18.59
C LEU A 57 25.37 -6.19 18.53
N THR A 58 26.38 -5.94 19.35
CA THR A 58 27.08 -4.65 19.32
C THR A 58 27.91 -4.50 18.06
N GLU A 59 28.60 -5.58 17.66
CA GLU A 59 29.44 -5.57 16.46
C GLU A 59 28.70 -5.73 15.12
N HIS A 60 27.49 -6.29 15.14
CA HIS A 60 26.74 -6.54 13.89
C HIS A 60 25.26 -6.17 13.94
N GLY A 61 24.91 -5.16 14.73
CA GLY A 61 23.53 -4.63 14.76
C GLY A 61 22.99 -4.13 13.42
N ASP A 62 23.90 -3.73 12.52
CA ASP A 62 23.53 -3.29 11.17
C ASP A 62 23.03 -4.40 10.22
N LEU A 63 23.34 -5.67 10.52
CA LEU A 63 22.91 -6.79 9.66
C LEU A 63 21.38 -6.87 9.54
N PRO A 64 20.85 -7.07 8.31
CA PRO A 64 19.40 -7.16 8.06
C PRO A 64 18.66 -8.17 8.91
N GLN A 65 19.30 -9.31 9.17
CA GLN A 65 18.69 -10.43 9.88
C GLN A 65 18.89 -10.40 11.41
N ILE A 66 19.45 -9.32 11.95
CA ILE A 66 19.69 -9.23 13.39
C ILE A 66 18.42 -9.34 14.24
N GLY A 67 17.29 -8.88 13.69
CA GLY A 67 15.98 -8.98 14.36
C GLY A 67 15.58 -10.40 14.68
N TRP A 68 15.86 -11.32 13.76
CA TRP A 68 15.56 -12.75 13.96
C TRP A 68 16.39 -13.35 15.10
N LEU A 69 17.66 -12.97 15.17
CA LEU A 69 18.54 -13.37 16.28
C LEU A 69 18.00 -12.88 17.61
N LYS A 70 17.50 -11.64 17.67
CA LYS A 70 16.93 -11.08 18.89
C LYS A 70 15.62 -11.78 19.27
N LEU A 71 14.79 -12.15 18.28
CA LEU A 71 13.58 -12.93 18.54
C LEU A 71 13.92 -14.31 19.11
N ARG A 72 14.78 -15.05 18.41
CA ARG A 72 15.22 -16.37 18.87
C ARG A 72 15.89 -16.30 20.25
N TRP A 73 16.75 -15.29 20.44
CA TRP A 73 17.47 -15.14 21.71
C TRP A 73 16.56 -14.75 22.88
N LEU A 74 15.73 -13.72 22.69
CA LEU A 74 14.86 -13.22 23.77
C LEU A 74 13.78 -14.22 24.23
N ARG A 75 13.40 -15.15 23.36
CA ARG A 75 12.58 -16.30 23.78
C ARG A 75 13.28 -17.04 24.90
N LEU A 76 14.54 -17.41 24.64
CA LEU A 76 15.33 -18.18 25.59
C LEU A 76 15.51 -17.42 26.91
N LEU A 77 15.78 -16.12 26.80
CA LEU A 77 15.94 -15.27 27.97
C LEU A 77 14.68 -15.19 28.85
N ALA A 78 13.50 -15.46 28.26
CA ALA A 78 12.25 -15.52 29.02
C ALA A 78 11.99 -16.91 29.61
N ASP A 79 12.20 -17.96 28.83
CA ASP A 79 12.12 -19.35 29.34
C ASP A 79 13.08 -19.62 30.50
N ARG A 80 14.25 -18.98 30.46
CA ARG A 80 15.21 -18.99 31.56
C ARG A 80 14.86 -18.05 32.72
N GLY A 81 13.91 -17.14 32.52
CA GLY A 81 13.55 -16.14 33.53
C GLY A 81 14.64 -15.11 33.78
N ASP A 82 15.51 -14.90 32.78
CA ASP A 82 16.65 -13.98 32.84
C ASP A 82 16.17 -12.61 32.34
N TRP A 83 15.24 -12.02 33.08
CA TRP A 83 14.52 -10.83 32.63
C TRP A 83 15.39 -9.58 32.60
N LYS A 84 16.40 -9.52 33.48
CA LYS A 84 17.34 -8.39 33.49
C LYS A 84 17.93 -8.18 32.11
N THR A 85 18.32 -9.28 31.46
CA THR A 85 18.88 -9.25 30.11
C THR A 85 17.80 -8.95 29.08
N PHE A 86 16.66 -9.64 29.18
CA PHE A 86 15.53 -9.46 28.26
C PHE A 86 15.24 -7.98 28.01
N VAL A 87 15.01 -7.25 29.09
CA VAL A 87 14.60 -5.84 29.00
C VAL A 87 15.70 -4.89 28.50
N ASN A 88 16.96 -5.31 28.56
CA ASN A 88 18.04 -4.54 27.93
C ASN A 88 17.95 -4.56 26.40
N TYR A 89 17.45 -5.67 25.85
CA TYR A 89 17.42 -5.89 24.39
C TYR A 89 16.04 -5.92 23.72
N TYR A 90 14.96 -5.88 24.51
CA TYR A 90 13.61 -5.84 23.96
C TYR A 90 13.33 -4.51 23.25
N ASP A 91 12.85 -4.60 22.01
CA ASP A 91 12.66 -3.44 21.14
C ASP A 91 11.29 -3.53 20.46
N PRO A 92 10.34 -2.64 20.85
CA PRO A 92 9.04 -2.61 20.18
C PRO A 92 9.11 -2.31 18.68
N LYS A 93 10.17 -1.63 18.23
CA LYS A 93 10.41 -1.37 16.80
C LYS A 93 10.53 -2.67 15.96
N LEU A 94 10.95 -3.77 16.58
CA LEU A 94 11.03 -5.07 15.85
C LEU A 94 9.68 -5.64 15.44
N ASN A 95 8.58 -5.14 16.03
CA ASN A 95 7.23 -5.54 15.67
C ASN A 95 7.09 -7.07 15.67
N PHE A 96 7.52 -7.68 16.77
CA PHE A 96 7.26 -9.08 17.03
C PHE A 96 6.28 -9.12 18.19
N THR A 97 5.04 -9.49 17.89
CA THR A 97 3.98 -9.62 18.89
C THR A 97 4.36 -10.61 20.02
N GLU A 98 5.16 -11.62 19.69
CA GLU A 98 5.65 -12.57 20.69
C GLU A 98 6.46 -11.84 21.77
N LEU A 99 7.44 -11.05 21.34
CA LEU A 99 8.27 -10.27 22.25
C LEU A 99 7.50 -9.21 23.03
N ASP A 100 6.46 -8.63 22.42
CA ASP A 100 5.61 -7.65 23.10
C ASP A 100 4.77 -8.30 24.21
N CYS A 101 4.31 -9.52 23.95
CA CYS A 101 3.53 -10.29 24.92
C CYS A 101 4.41 -10.80 26.08
N LEU A 102 5.63 -11.20 25.76
CA LEU A 102 6.64 -11.50 26.79
C LEU A 102 7.04 -10.28 27.62
N TYR A 103 7.16 -9.12 26.99
CA TYR A 103 7.41 -7.88 27.74
C TYR A 103 6.21 -7.52 28.64
N GLY A 104 5.00 -7.86 28.20
CA GLY A 104 3.81 -7.71 29.02
C GLY A 104 3.86 -8.54 30.28
N GLN A 105 4.23 -9.80 30.12
CA GLN A 105 4.46 -10.70 31.26
C GLN A 105 5.49 -10.13 32.23
N TYR A 106 6.60 -9.62 31.70
CA TYR A 106 7.64 -8.96 32.51
C TYR A 106 7.07 -7.80 33.33
N GLN A 107 6.34 -6.91 32.67
CA GLN A 107 5.74 -5.74 33.32
C GLN A 107 4.89 -6.12 34.54
N LEU A 108 4.00 -7.10 34.35
CA LEU A 108 3.13 -7.58 35.42
C LEU A 108 3.90 -8.25 36.56
N GLY A 109 4.87 -9.09 36.20
CA GLY A 109 5.70 -9.79 37.19
C GLY A 109 6.80 -8.97 37.87
N HIS A 110 6.89 -7.67 37.60
CA HIS A 110 7.93 -6.84 38.19
C HIS A 110 7.40 -5.45 38.59
N GLY A 111 6.15 -5.40 39.05
CA GLY A 111 5.60 -4.16 39.62
C GLY A 111 4.98 -3.11 38.68
N GLN A 112 5.20 -3.23 37.37
CA GLN A 112 4.60 -2.32 36.38
C GLN A 112 3.21 -2.82 35.98
N LYS A 113 2.25 -2.67 36.88
CA LYS A 113 0.89 -3.22 36.68
C LYS A 113 0.09 -2.41 35.65
N ALA A 114 -0.05 -1.11 35.92
CA ALA A 114 -0.74 -0.18 35.02
C ALA A 114 -0.19 -0.26 33.60
N GLU A 115 1.13 -0.28 33.49
CA GLU A 115 1.82 -0.38 32.21
C GLU A 115 1.54 -1.75 31.56
N GLY A 116 1.56 -2.81 32.37
CA GLY A 116 1.22 -4.16 31.92
C GLY A 116 -0.22 -4.36 31.46
N TYR A 117 -1.17 -3.70 32.13
CA TYR A 117 -2.57 -3.70 31.69
C TYR A 117 -2.73 -3.05 30.33
N ALA A 118 -2.12 -1.87 30.17
CA ALA A 118 -2.15 -1.11 28.92
C ALA A 118 -1.58 -1.94 27.77
N THR A 119 -0.45 -2.61 28.03
CA THR A 119 0.20 -3.50 27.08
C THR A 119 -0.72 -4.66 26.69
N SER A 120 -1.31 -5.32 27.69
CA SER A 120 -2.23 -6.42 27.45
C SER A 120 -3.45 -5.99 26.64
N GLU A 121 -4.06 -4.87 27.05
CA GLU A 121 -5.25 -4.34 26.38
C GLU A 121 -4.99 -4.00 24.92
N ARG A 122 -3.84 -3.40 24.65
CA ARG A 122 -3.41 -3.05 23.30
C ARG A 122 -3.19 -4.28 22.39
N LEU A 123 -2.64 -5.34 22.98
CA LEU A 123 -2.44 -6.63 22.29
C LEU A 123 -3.71 -7.47 22.23
N TRP A 124 -4.63 -7.26 23.18
CA TRP A 124 -5.96 -7.90 23.19
C TRP A 124 -6.92 -7.32 22.16
N LEU A 125 -7.05 -6.00 22.12
CA LEU A 125 -7.95 -5.32 21.18
C LEU A 125 -7.38 -5.34 19.76
N VAL A 126 -7.48 -6.52 19.15
CA VAL A 126 -6.90 -6.84 17.84
C VAL A 126 -7.78 -7.96 17.28
N GLY A 127 -8.39 -7.72 16.12
CA GLY A 127 -9.36 -8.66 15.54
C GLY A 127 -8.82 -9.94 14.90
N LYS A 128 -7.55 -10.24 15.09
CA LYS A 128 -6.95 -11.49 14.64
C LYS A 128 -6.45 -12.26 15.83
N SER A 129 -6.12 -13.53 15.61
CA SER A 129 -5.55 -14.39 16.65
C SER A 129 -4.09 -14.00 16.90
N GLN A 130 -3.69 -14.01 18.16
CA GLN A 130 -2.34 -13.59 18.57
C GLN A 130 -1.50 -14.83 18.95
N PRO A 131 -0.15 -14.68 19.01
CA PRO A 131 0.76 -15.76 19.42
C PRO A 131 0.42 -16.50 20.73
N ALA A 132 0.91 -17.73 20.86
CA ALA A 132 0.76 -18.53 22.09
C ALA A 132 1.30 -17.84 23.34
N ALA A 133 2.39 -17.07 23.18
CA ALA A 133 2.92 -16.25 24.27
C ALA A 133 1.95 -15.20 24.81
N CYS A 134 0.95 -14.81 24.01
CA CYS A 134 -0.07 -13.84 24.41
C CYS A 134 -1.21 -14.44 25.22
N ASP A 135 -1.52 -15.71 25.01
CA ASP A 135 -2.47 -16.43 25.88
C ASP A 135 -1.97 -16.49 27.33
N THR A 136 -0.67 -16.69 27.50
CA THR A 136 -0.03 -16.58 28.80
C THR A 136 -0.31 -15.22 29.44
N LEU A 137 -0.04 -14.16 28.69
CA LEU A 137 -0.26 -12.77 29.17
C LEU A 137 -1.74 -12.45 29.38
N PHE A 138 -2.57 -12.83 28.42
CA PHE A 138 -4.02 -12.60 28.52
C PHE A 138 -4.61 -13.31 29.74
N GLY A 139 -4.08 -14.49 30.08
CA GLY A 139 -4.49 -15.21 31.29
C GLY A 139 -4.15 -14.47 32.58
N LEU A 140 -2.93 -13.95 32.66
CA LEU A 140 -2.47 -13.16 33.82
C LEU A 140 -3.26 -11.85 33.95
N TRP A 141 -3.56 -11.25 32.81
CA TRP A 141 -4.35 -10.02 32.75
C TRP A 141 -5.81 -10.26 33.20
N GLN A 142 -6.41 -11.32 32.66
CA GLN A 142 -7.71 -11.86 33.09
C GLN A 142 -7.72 -12.20 34.59
N GLY A 143 -6.71 -12.95 35.01
CA GLY A 143 -6.53 -13.37 36.41
C GLY A 143 -6.35 -12.27 37.44
N GLU A 144 -5.95 -11.08 37.00
CA GLU A 144 -6.03 -9.87 37.82
C GLU A 144 -7.36 -9.13 37.62
N GLY A 145 -8.36 -9.81 37.04
CA GLY A 145 -9.70 -9.28 36.89
C GLY A 145 -9.88 -8.08 35.97
N GLN A 146 -9.00 -7.95 34.98
CA GLN A 146 -9.09 -6.82 34.03
C GLN A 146 -9.90 -7.13 32.78
N LEU A 147 -9.95 -8.41 32.37
CA LEU A 147 -10.71 -8.82 31.19
C LEU A 147 -12.23 -8.80 31.45
N THR A 148 -12.80 -7.60 31.42
CA THR A 148 -14.24 -7.37 31.63
C THR A 148 -15.03 -7.83 30.40
N GLU A 149 -16.35 -7.85 30.52
CA GLU A 149 -17.18 -8.20 29.38
C GLU A 149 -17.13 -7.16 28.26
N GLU A 150 -16.97 -5.88 28.61
CA GLU A 150 -16.86 -4.82 27.60
C GLU A 150 -15.60 -5.00 26.73
N LYS A 151 -14.52 -5.51 27.32
CA LYS A 151 -13.28 -5.74 26.60
C LYS A 151 -13.34 -6.94 25.66
N VAL A 152 -13.96 -8.03 26.09
CA VAL A 152 -14.16 -9.17 25.18
C VAL A 152 -15.16 -8.82 24.07
N TRP A 153 -16.19 -8.04 24.40
CA TRP A 153 -17.18 -7.60 23.41
C TRP A 153 -16.51 -6.77 22.32
N LYS A 154 -15.66 -5.84 22.73
CA LYS A 154 -14.93 -4.98 21.80
C LYS A 154 -14.03 -5.76 20.83
N ARG A 155 -13.40 -6.84 21.32
CA ARG A 155 -12.57 -7.70 20.44
C ARG A 155 -13.43 -8.50 19.46
N LEU A 156 -14.56 -9.03 19.94
CA LEU A 156 -15.50 -9.74 19.06
C LEU A 156 -15.90 -8.87 17.86
N LYS A 157 -16.16 -7.61 18.15
CA LYS A 157 -16.53 -6.60 17.14
C LYS A 157 -15.40 -6.40 16.11
N LEU A 158 -14.16 -6.35 16.61
CA LEU A 158 -12.98 -6.23 15.74
C LEU A 158 -12.73 -7.48 14.91
N ALA A 159 -13.03 -8.65 15.47
CA ALA A 159 -12.85 -9.92 14.75
C ALA A 159 -13.94 -10.16 13.69
N ALA A 160 -15.15 -9.70 13.96
CA ALA A 160 -16.21 -9.68 12.96
C ALA A 160 -15.86 -8.72 11.82
N GLU A 161 -15.27 -7.57 12.18
CA GLU A 161 -14.74 -6.61 11.20
C GLU A 161 -13.59 -7.20 10.35
N ALA A 162 -12.73 -7.99 10.97
CA ALA A 162 -11.63 -8.65 10.25
C ALA A 162 -12.08 -9.85 9.41
N ARG A 163 -13.30 -10.32 9.66
CA ARG A 163 -13.88 -11.51 9.05
C ARG A 163 -13.22 -12.81 9.53
N ASN A 164 -12.61 -12.76 10.72
CA ASN A 164 -12.04 -13.94 11.39
CA ASN A 164 -12.20 -13.94 11.60
C ASN A 164 -13.12 -14.48 12.32
N TYR A 165 -13.99 -15.32 11.75
CA TYR A 165 -15.23 -15.77 12.39
C TYR A 165 -15.05 -16.95 13.34
N SER A 166 -13.94 -17.68 13.23
CA SER A 166 -13.61 -18.72 14.23
C SER A 166 -13.29 -18.03 15.54
N LEU A 167 -12.38 -17.05 15.48
CA LEU A 167 -12.07 -16.18 16.62
C LEU A 167 -13.29 -15.46 17.17
N ALA A 168 -14.06 -14.84 16.26
CA ALA A 168 -15.28 -14.10 16.64
C ALA A 168 -16.32 -14.96 17.35
N SER A 169 -16.41 -16.24 16.96
CA SER A 169 -17.34 -17.18 17.59
C SER A 169 -16.82 -17.67 18.94
N HIS A 170 -15.53 -17.99 19.00
CA HIS A 170 -14.83 -18.32 20.25
C HIS A 170 -15.06 -17.23 21.33
N LEU A 171 -14.99 -15.97 20.90
CA LEU A 171 -15.24 -14.84 21.81
C LEU A 171 -16.72 -14.70 22.20
N ALA A 172 -17.62 -15.15 21.33
CA ALA A 172 -19.06 -15.19 21.65
C ALA A 172 -19.42 -16.18 22.77
N GLN A 173 -18.72 -17.32 22.83
CA GLN A 173 -18.88 -18.30 23.92
C GLN A 173 -18.30 -17.85 25.27
N ARG A 174 -17.51 -16.77 25.27
CA ARG A 174 -16.91 -16.22 26.49
C ARG A 174 -17.59 -14.94 26.99
N LEU A 175 -18.82 -14.67 26.52
CA LEU A 175 -19.64 -13.59 27.05
C LEU A 175 -20.62 -14.21 28.02
N PRO A 176 -20.63 -13.78 29.30
CA PRO A 176 -21.65 -14.34 30.23
C PRO A 176 -23.05 -13.77 29.99
N THR A 177 -23.19 -12.45 30.06
CA THR A 177 -24.51 -11.81 29.89
C THR A 177 -24.91 -11.54 28.43
N LEU A 178 -23.95 -11.39 27.52
CA LEU A 178 -24.23 -10.88 26.16
C LEU A 178 -24.13 -11.91 25.03
N GLY A 179 -24.14 -13.20 25.35
CA GLY A 179 -23.99 -14.28 24.36
C GLY A 179 -25.00 -14.29 23.20
N ASN A 180 -26.21 -13.77 23.46
CA ASN A 180 -27.26 -13.65 22.43
C ASN A 180 -26.88 -12.69 21.31
N GLN A 181 -26.46 -11.49 21.70
CA GLN A 181 -26.05 -10.46 20.73
C GLN A 181 -24.73 -10.80 20.07
N GLY A 182 -23.84 -11.48 20.79
CA GLY A 182 -22.60 -12.00 20.22
C GLY A 182 -22.82 -12.93 19.05
N ALA A 183 -23.72 -13.91 19.23
CA ALA A 183 -24.09 -14.84 18.15
C ALA A 183 -24.78 -14.11 16.99
N LEU A 184 -25.57 -13.10 17.34
CA LEU A 184 -26.22 -12.22 16.36
C LEU A 184 -25.18 -11.47 15.53
N MET A 185 -24.14 -10.95 16.20
CA MET A 185 -23.05 -10.25 15.53
C MET A 185 -22.28 -11.10 14.51
N VAL A 186 -22.06 -12.37 14.82
CA VAL A 186 -21.37 -13.26 13.88
C VAL A 186 -22.29 -13.60 12.68
N SER A 187 -23.59 -13.74 12.95
CA SER A 187 -24.60 -14.00 11.91
C SER A 187 -24.76 -12.81 10.96
N VAL A 188 -24.93 -11.63 11.56
CA VAL A 188 -25.05 -10.36 10.83
C VAL A 188 -23.79 -10.05 10.01
N ALA A 189 -22.61 -10.22 10.61
CA ALA A 189 -21.34 -9.99 9.92
C ALA A 189 -21.18 -10.84 8.64
N GLN A 190 -21.72 -12.07 8.69
CA GLN A 190 -21.63 -12.99 7.56
C GLN A 190 -22.68 -12.73 6.49
N ASN A 191 -23.89 -12.35 6.91
CA ASN A 191 -24.94 -11.91 5.98
C ASN A 191 -25.69 -10.72 6.59
N PRO A 192 -25.27 -9.49 6.23
CA PRO A 192 -25.90 -8.30 6.85
C PRO A 192 -27.33 -8.00 6.39
N ALA A 193 -27.73 -8.54 5.24
CA ALA A 193 -29.09 -8.32 4.70
C ALA A 193 -30.22 -8.85 5.59
N GLN A 194 -29.88 -9.72 6.55
CA GLN A 194 -30.80 -10.12 7.62
C GLN A 194 -31.41 -8.97 8.39
N LEU A 195 -30.73 -7.83 8.42
CA LEU A 195 -31.28 -6.61 9.04
C LEU A 195 -32.59 -6.08 8.41
N SER A 196 -32.98 -6.61 7.25
CA SER A 196 -34.36 -6.46 6.72
C SER A 196 -35.44 -6.90 7.70
N GLN A 197 -35.18 -8.00 8.44
CA GLN A 197 -36.04 -8.41 9.56
C GLN A 197 -35.84 -7.50 10.76
N THR A 198 -36.50 -6.34 10.71
CA THR A 198 -36.33 -5.31 11.72
C THR A 198 -36.87 -5.72 13.11
N GLY A 199 -37.91 -6.56 13.13
CA GLY A 199 -38.42 -7.15 14.37
C GLY A 199 -37.39 -7.97 15.16
N ARG A 200 -36.52 -8.66 14.44
CA ARG A 200 -35.48 -9.50 15.04
C ARG A 200 -34.27 -8.70 15.61
N PHE A 201 -34.15 -7.42 15.23
CA PHE A 201 -33.06 -6.55 15.69
C PHE A 201 -33.56 -5.23 16.26
N SER A 202 -34.61 -5.28 17.09
CA SER A 202 -35.17 -4.07 17.71
C SER A 202 -34.98 -3.96 19.23
N GLN A 203 -34.31 -4.94 19.85
CA GLN A 203 -34.05 -4.93 21.30
C GLN A 203 -33.16 -3.73 21.65
N ARG A 204 -33.72 -2.78 22.39
CA ARG A 204 -33.14 -1.43 22.54
C ARG A 204 -32.02 -1.33 23.61
N ASP A 205 -30.88 -1.98 23.37
CA ASP A 205 -29.67 -1.80 24.19
C ASP A 205 -28.48 -1.38 23.32
N HIS A 206 -27.37 -1.03 23.96
CA HIS A 206 -26.17 -0.57 23.23
C HIS A 206 -25.44 -1.74 22.53
N ALA A 207 -25.64 -2.98 22.99
CA ALA A 207 -25.03 -4.17 22.38
C ALA A 207 -25.68 -4.53 21.03
N THR A 208 -27.00 -4.45 20.96
CA THR A 208 -27.75 -4.62 19.72
C THR A 208 -27.38 -3.54 18.69
N ALA A 209 -27.23 -2.31 19.15
CA ALA A 209 -26.79 -1.21 18.29
C ALA A 209 -25.42 -1.46 17.66
N ASP A 210 -24.50 -2.06 18.41
CA ASP A 210 -23.19 -2.43 17.86
C ASP A 210 -23.35 -3.46 16.74
N VAL A 211 -24.16 -4.48 16.96
CA VAL A 211 -24.41 -5.54 15.94
C VAL A 211 -25.12 -4.99 14.70
N VAL A 212 -26.10 -4.13 14.89
CA VAL A 212 -26.79 -3.50 13.76
C VAL A 212 -25.86 -2.53 13.01
N GLY A 213 -25.07 -1.75 13.77
CA GLY A 213 -24.14 -0.78 13.19
C GLY A 213 -23.07 -1.39 12.32
N LEU A 214 -22.51 -2.51 12.76
CA LEU A 214 -21.60 -3.29 11.92
C LEU A 214 -22.33 -3.75 10.67
N GLY A 215 -23.51 -4.34 10.87
CA GLY A 215 -24.32 -4.86 9.78
C GLY A 215 -24.62 -3.86 8.67
N LEU A 216 -25.02 -2.66 9.05
CA LEU A 216 -25.33 -1.59 8.09
C LEU A 216 -24.11 -1.12 7.31
N ARG A 217 -22.94 -1.09 7.97
CA ARG A 217 -21.70 -0.67 7.32
C ARG A 217 -21.20 -1.71 6.33
N ARG A 218 -21.32 -2.99 6.69
CA ARG A 218 -20.99 -4.06 5.75
C ARG A 218 -22.03 -4.19 4.64
N LEU A 219 -23.30 -3.97 4.96
CA LEU A 219 -24.37 -4.00 3.95
C LEU A 219 -24.19 -2.88 2.91
N ALA A 220 -23.71 -1.73 3.38
CA ALA A 220 -23.48 -0.56 2.53
C ALA A 220 -22.55 -0.83 1.34
N ARG A 221 -21.50 -1.61 1.57
CA ARG A 221 -20.52 -1.92 0.50
C ARG A 221 -21.06 -2.81 -0.61
N GLN A 222 -22.03 -3.68 -0.31
CA GLN A 222 -22.64 -4.57 -1.34
C GLN A 222 -23.99 -4.05 -1.85
N ASP A 223 -24.83 -3.56 -0.94
CA ASP A 223 -26.17 -3.06 -1.29
C ASP A 223 -26.48 -1.75 -0.53
N PRO A 224 -25.94 -0.61 -1.00
CA PRO A 224 -26.15 0.66 -0.30
C PRO A 224 -27.60 1.13 -0.22
N GLU A 225 -28.43 0.70 -1.18
CA GLU A 225 -29.81 1.15 -1.30
C GLU A 225 -30.70 0.53 -0.20
N LYS A 226 -30.43 -0.73 0.15
CA LYS A 226 -31.13 -1.40 1.24
C LYS A 226 -30.76 -0.78 2.60
N ALA A 227 -29.47 -0.54 2.80
CA ALA A 227 -29.00 0.10 4.04
C ALA A 227 -29.54 1.51 4.23
N LEU A 228 -29.76 2.23 3.12
CA LEU A 228 -30.32 3.58 3.19
C LEU A 228 -31.72 3.56 3.78
N SER A 229 -32.55 2.66 3.25
CA SER A 229 -33.90 2.43 3.74
C SER A 229 -33.91 2.07 5.22
N LEU A 230 -33.04 1.14 5.59
CA LEU A 230 -33.00 0.63 6.96
C LEU A 230 -32.41 1.62 7.99
N LEU A 231 -31.60 2.58 7.53
CA LEU A 231 -31.01 3.57 8.44
C LEU A 231 -32.08 4.35 9.17
N ASP A 232 -33.04 4.86 8.40
CA ASP A 232 -34.17 5.66 8.90
C ASP A 232 -34.82 4.99 10.09
N TYR A 233 -35.19 3.73 9.92
CA TYR A 233 -35.82 2.95 10.98
C TYR A 233 -34.90 2.73 12.17
N TYR A 234 -33.69 2.22 11.93
CA TYR A 234 -32.81 1.76 13.02
C TYR A 234 -32.29 2.86 13.96
N SER A 235 -32.16 4.08 13.45
CA SER A 235 -31.67 5.20 14.27
C SER A 235 -32.71 5.74 15.28
N SER A 236 -34.00 5.55 14.99
CA SER A 236 -35.08 5.72 16.01
C SER A 236 -35.07 4.54 16.98
N ALA A 237 -35.15 3.33 16.41
CA ALA A 237 -35.31 2.08 17.17
C ALA A 237 -34.27 1.80 18.26
N LEU A 238 -33.03 2.24 18.06
CA LEU A 238 -31.91 1.81 18.90
C LEU A 238 -31.09 2.98 19.43
N PRO A 239 -30.33 2.76 20.51
CA PRO A 239 -29.54 3.83 21.13
C PRO A 239 -28.13 3.96 20.53
N PHE A 240 -28.05 4.35 19.27
CA PHE A 240 -26.77 4.63 18.62
C PHE A 240 -26.20 5.90 19.22
N SER A 241 -24.93 5.87 19.59
CA SER A 241 -24.24 7.10 20.01
C SER A 241 -24.07 8.01 18.79
N SER A 242 -23.79 9.28 19.04
CA SER A 242 -23.72 10.28 17.98
C SER A 242 -22.72 9.89 16.89
N ASP A 243 -21.53 9.49 17.32
CA ASP A 243 -20.45 9.10 16.40
C ASP A 243 -20.65 7.71 15.78
N GLU A 244 -21.43 6.85 16.43
CA GLU A 244 -21.83 5.55 15.84
C GLU A 244 -22.76 5.73 14.63
N LYS A 245 -23.58 6.78 14.62
CA LYS A 245 -24.43 7.10 13.46
C LYS A 245 -23.63 7.64 12.27
N VAL A 246 -22.71 8.57 12.54
CA VAL A 246 -21.92 9.18 11.44
C VAL A 246 -21.00 8.16 10.75
N ALA A 247 -20.50 7.18 11.51
CA ALA A 247 -19.75 6.07 10.95
C ALA A 247 -20.60 5.21 9.98
N ILE A 248 -21.88 5.01 10.33
CA ILE A 248 -22.83 4.28 9.48
C ILE A 248 -23.19 5.12 8.24
N ALA A 249 -23.55 6.39 8.47
CA ALA A 249 -23.89 7.32 7.41
C ALA A 249 -22.76 7.51 6.40
N ARG A 250 -21.52 7.51 6.89
CA ARG A 250 -20.33 7.58 6.07
C ARG A 250 -20.26 6.44 5.05
N GLU A 251 -20.37 5.19 5.52
CA GLU A 251 -20.24 4.03 4.63
C GLU A 251 -21.36 3.97 3.60
N ILE A 252 -22.58 4.29 4.02
CA ILE A 252 -23.71 4.33 3.09
C ILE A 252 -23.51 5.42 2.03
N GLY A 253 -23.17 6.63 2.48
CA GLY A 253 -22.94 7.76 1.57
C GLY A 253 -21.80 7.56 0.57
N LEU A 254 -20.69 7.02 1.06
CA LEU A 254 -19.52 6.73 0.22
C LEU A 254 -19.88 5.72 -0.85
N SER A 255 -20.60 4.68 -0.44
CA SER A 255 -20.99 3.60 -1.35
C SER A 255 -21.99 4.10 -2.41
N LEU A 256 -22.97 4.89 -1.99
CA LEU A 256 -23.92 5.53 -2.92
C LEU A 256 -23.25 6.50 -3.89
N ALA A 257 -22.26 7.26 -3.41
CA ALA A 257 -21.57 8.23 -4.24
C ALA A 257 -20.72 7.59 -5.33
N LYS A 258 -20.19 6.40 -5.06
CA LYS A 258 -19.41 5.66 -6.07
C LYS A 258 -20.28 4.93 -7.09
N ARG A 259 -21.58 4.77 -6.79
CA ARG A 259 -22.60 4.39 -7.77
C ARG A 259 -23.21 5.63 -8.49
N PHE A 260 -22.80 6.83 -8.08
CA PHE A 260 -23.28 8.10 -8.62
C PHE A 260 -24.78 8.31 -8.38
N ASP A 261 -25.22 7.87 -7.21
CA ASP A 261 -26.59 8.07 -6.73
C ASP A 261 -26.61 9.40 -5.98
N PRO A 262 -27.44 10.36 -6.42
CA PRO A 262 -27.49 11.67 -5.76
C PRO A 262 -28.10 11.65 -4.34
N ARG A 263 -28.72 10.56 -3.93
CA ARG A 263 -29.26 10.43 -2.58
C ARG A 263 -28.16 10.40 -1.50
N ALA A 264 -26.92 10.20 -1.93
CA ALA A 264 -25.74 10.41 -1.10
C ALA A 264 -25.59 11.85 -0.61
N LEU A 265 -25.96 12.81 -1.45
CA LEU A 265 -25.74 14.24 -1.16
C LEU A 265 -26.37 14.73 0.16
N PRO A 266 -27.70 14.56 0.35
CA PRO A 266 -28.30 15.03 1.60
C PRO A 266 -27.78 14.31 2.86
N LEU A 267 -27.44 13.04 2.70
CA LEU A 267 -26.95 12.21 3.80
C LEU A 267 -25.57 12.69 4.25
N MET A 268 -24.65 12.79 3.27
CA MET A 268 -23.30 13.33 3.47
C MET A 268 -23.31 14.75 4.04
N THR A 269 -24.17 15.59 3.49
CA THR A 269 -24.40 16.99 3.97
C THR A 269 -24.80 17.05 5.45
N GLN A 270 -25.79 16.25 5.84
CA GLN A 270 -26.32 16.24 7.21
C GLN A 270 -25.33 15.66 8.23
N TYR A 271 -24.74 14.51 7.93
CA TYR A 271 -23.87 13.82 8.89
C TYR A 271 -22.40 14.25 8.92
N ASP A 272 -22.00 15.15 8.03
CA ASP A 272 -20.67 15.75 8.12
C ASP A 272 -20.67 17.15 7.50
N PRO A 273 -21.43 18.09 8.10
CA PRO A 273 -21.49 19.46 7.56
C PRO A 273 -20.19 20.26 7.75
N GLY A 274 -19.42 19.92 8.78
CA GLY A 274 -18.14 20.58 9.04
C GLY A 274 -17.00 20.19 8.10
N LEU A 275 -17.21 19.17 7.26
CA LEU A 275 -16.18 18.65 6.34
C LEU A 275 -14.98 18.14 7.12
N ARG A 276 -15.27 17.35 8.15
CA ARG A 276 -14.26 16.75 9.01
C ARG A 276 -13.59 15.59 8.30
N ASP A 277 -14.39 14.67 7.78
CA ASP A 277 -13.87 13.52 7.04
C ASP A 277 -13.48 13.98 5.63
N ASN A 278 -12.20 13.80 5.31
CA ASN A 278 -11.69 14.20 4.00
C ASN A 278 -12.28 13.34 2.88
N THR A 279 -12.38 12.03 3.13
CA THR A 279 -12.89 11.10 2.11
C THR A 279 -14.34 11.38 1.74
N VAL A 280 -15.16 11.71 2.75
CA VAL A 280 -16.56 12.10 2.51
C VAL A 280 -16.57 13.38 1.67
N THR A 281 -15.71 14.34 2.02
CA THR A 281 -15.64 15.63 1.33
C THR A 281 -15.22 15.48 -0.14
N GLU A 282 -14.19 14.67 -0.36
CA GLU A 282 -13.68 14.40 -1.71
C GLU A 282 -14.74 13.75 -2.59
N TRP A 283 -15.42 12.73 -2.05
CA TRP A 283 -16.47 12.02 -2.79
C TRP A 283 -17.77 12.81 -2.92
N ARG A 284 -18.06 13.67 -1.96
CA ARG A 284 -19.16 14.62 -2.10
C ARG A 284 -18.90 15.58 -3.29
N THR A 285 -17.66 16.04 -3.42
CA THR A 285 -17.24 16.88 -4.55
C THR A 285 -17.17 16.09 -5.89
N ARG A 286 -16.60 14.89 -5.85
CA ARG A 286 -16.56 13.98 -7.01
C ARG A 286 -17.93 13.65 -7.59
N LEU A 287 -18.91 13.44 -6.72
CA LEU A 287 -20.28 13.14 -7.15
C LEU A 287 -20.93 14.33 -7.88
N LEU A 288 -20.76 15.53 -7.32
CA LEU A 288 -21.27 16.74 -7.97
C LEU A 288 -20.68 16.94 -9.37
N LEU A 289 -19.36 16.72 -9.51
CA LEU A 289 -18.68 16.76 -10.81
C LEU A 289 -19.27 15.74 -11.83
N ARG A 290 -19.63 14.56 -11.33
CA ARG A 290 -20.27 13.54 -12.15
C ARG A 290 -21.69 13.95 -12.56
N LEU A 291 -22.43 14.59 -11.67
CA LEU A 291 -23.79 15.05 -11.97
C LEU A 291 -23.87 16.35 -12.76
N GLY A 292 -22.72 16.99 -12.99
CA GLY A 292 -22.65 18.22 -13.79
C GLY A 292 -23.11 19.44 -13.04
N ARG A 293 -23.08 19.36 -11.71
CA ARG A 293 -23.50 20.44 -10.82
C ARG A 293 -22.26 21.23 -10.38
N TRP A 294 -21.77 22.07 -11.30
CA TRP A 294 -20.48 22.74 -11.18
C TRP A 294 -20.52 23.92 -10.20
N ASP A 295 -21.66 24.61 -10.18
CA ASP A 295 -21.91 25.71 -9.23
C ASP A 295 -21.70 25.22 -7.78
N GLU A 296 -22.34 24.09 -7.46
CA GLU A 296 -22.17 23.40 -6.17
C GLU A 296 -20.76 22.89 -5.93
N ALA A 297 -20.17 22.31 -6.96
CA ALA A 297 -18.82 21.75 -6.89
C ALA A 297 -17.81 22.84 -6.57
N TYR A 298 -17.93 23.98 -7.24
CA TYR A 298 -17.06 25.14 -6.99
C TYR A 298 -17.21 25.64 -5.55
N ALA A 299 -18.46 25.91 -5.14
CA ALA A 299 -18.78 26.30 -3.76
C ALA A 299 -18.00 25.46 -2.76
N LEU A 300 -18.07 24.16 -2.95
CA LEU A 300 -17.44 23.18 -2.06
C LEU A 300 -15.91 23.31 -2.02
N THR A 301 -15.29 23.53 -3.17
CA THR A 301 -13.83 23.67 -3.26
C THR A 301 -13.28 24.86 -2.46
N ARG A 302 -14.11 25.90 -2.29
CA ARG A 302 -13.75 27.05 -1.45
C ARG A 302 -13.73 26.67 0.04
N LYS A 303 -14.69 25.84 0.45
CA LYS A 303 -14.84 25.44 1.85
C LYS A 303 -13.87 24.38 2.38
N LEU A 304 -12.97 23.87 1.56
CA LEU A 304 -12.17 22.70 1.96
C LEU A 304 -11.20 23.03 3.09
N PRO A 305 -10.89 22.03 3.95
CA PRO A 305 -9.79 22.16 4.89
C PRO A 305 -8.47 22.56 4.22
N GLN A 306 -7.51 22.98 5.03
CA GLN A 306 -6.20 23.43 4.54
C GLN A 306 -5.48 22.32 3.76
N ASP A 307 -5.41 21.12 4.32
CA ASP A 307 -4.66 20.01 3.71
C ASP A 307 -5.24 19.46 2.38
N LEU A 308 -6.53 19.67 2.14
CA LEU A 308 -7.15 19.36 0.83
C LEU A 308 -6.99 20.49 -0.16
N ALA A 309 -7.26 21.73 0.27
CA ALA A 309 -7.05 22.91 -0.57
C ALA A 309 -5.58 23.07 -1.00
N ALA A 310 -4.65 22.65 -0.14
CA ALA A 310 -3.22 22.61 -0.46
C ALA A 310 -2.89 21.83 -1.74
N THR A 311 -3.49 20.65 -1.87
CA THR A 311 -3.16 19.73 -2.96
C THR A 311 -3.49 20.28 -4.33
N SER A 312 -2.81 19.73 -5.32
CA SER A 312 -2.99 20.11 -6.71
C SER A 312 -4.35 19.69 -7.25
N ARG A 313 -4.85 18.56 -6.76
CA ARG A 313 -6.17 18.04 -7.13
C ARG A 313 -7.27 19.08 -7.01
N TRP A 314 -7.39 19.66 -5.81
CA TRP A 314 -8.52 20.54 -5.50
C TRP A 314 -8.26 21.99 -5.88
N ARG A 315 -6.98 22.36 -6.03
CA ARG A 315 -6.64 23.58 -6.75
C ARG A 315 -7.09 23.51 -8.22
N TYR A 316 -6.87 22.37 -8.86
CA TYR A 316 -7.30 22.17 -10.24
C TYR A 316 -8.81 22.21 -10.35
N TRP A 317 -9.50 21.40 -9.55
CA TRP A 317 -10.97 21.32 -9.64
C TRP A 317 -11.67 22.59 -9.19
N GLN A 318 -11.04 23.38 -8.31
CA GLN A 318 -11.56 24.71 -7.95
C GLN A 318 -11.61 25.58 -9.20
N ALA A 319 -10.49 25.66 -9.90
CA ALA A 319 -10.37 26.44 -11.13
C ALA A 319 -11.30 25.93 -12.24
N ARG A 320 -11.30 24.61 -12.41
CA ARG A 320 -12.01 23.94 -13.49
C ARG A 320 -13.54 23.94 -13.29
N SER A 321 -13.99 23.70 -12.06
CA SER A 321 -15.42 23.82 -11.71
C SER A 321 -15.91 25.24 -11.92
N LEU A 322 -15.09 26.22 -11.52
CA LEU A 322 -15.38 27.62 -11.78
C LEU A 322 -15.46 27.92 -13.28
N GLN A 323 -14.50 27.40 -14.04
CA GLN A 323 -14.50 27.53 -15.51
C GLN A 323 -15.76 26.91 -16.14
N LEU A 324 -16.22 25.78 -15.61
CA LEU A 324 -17.47 25.16 -16.10
C LEU A 324 -18.69 25.95 -15.65
N ALA A 325 -18.71 26.34 -14.37
CA ALA A 325 -19.80 27.13 -13.79
C ALA A 325 -19.95 28.54 -14.39
N GLN A 326 -18.83 29.19 -14.67
CA GLN A 326 -18.77 30.56 -15.19
C GLN A 326 -17.79 30.64 -16.38
N PRO A 327 -18.22 30.23 -17.58
CA PRO A 327 -17.33 30.20 -18.73
C PRO A 327 -16.63 31.52 -19.09
N ASN A 328 -17.27 32.64 -18.78
CA ASN A 328 -16.75 33.98 -19.10
C ASN A 328 -15.75 34.52 -18.08
N SER A 329 -15.74 33.97 -16.86
CA SER A 329 -14.86 34.43 -15.78
C SER A 329 -13.38 34.30 -16.12
N LYS A 330 -12.56 35.18 -15.53
CA LYS A 330 -11.11 35.18 -15.71
C LYS A 330 -10.31 34.73 -14.47
N GLU A 331 -11.01 34.37 -13.39
CA GLU A 331 -10.34 33.81 -12.22
C GLU A 331 -9.63 32.48 -12.52
N PRO A 332 -10.26 31.58 -13.32
CA PRO A 332 -9.64 30.30 -13.66
C PRO A 332 -8.24 30.35 -14.30
N ILE A 333 -7.94 31.40 -15.05
CA ILE A 333 -6.65 31.48 -15.75
C ILE A 333 -5.55 31.75 -14.69
N ALA A 334 -5.84 32.64 -13.74
CA ALA A 334 -4.94 32.92 -12.61
C ALA A 334 -4.69 31.67 -11.75
N LEU A 335 -5.74 30.87 -11.52
CA LEU A 335 -5.63 29.66 -10.72
C LEU A 335 -4.84 28.55 -11.45
N TYR A 336 -5.11 28.36 -12.74
CA TYR A 336 -4.33 27.44 -13.58
C TYR A 336 -2.85 27.83 -13.72
N GLN A 337 -2.55 29.13 -13.62
CA GLN A 337 -1.17 29.61 -13.81
C GLN A 337 -0.23 29.29 -12.64
N LYS A 338 -0.76 29.23 -11.41
CA LYS A 338 -0.01 28.65 -10.27
C LYS A 338 0.43 27.23 -10.62
N LEU A 339 -0.54 26.47 -11.10
CA LEU A 339 -0.54 25.03 -11.11
C LEU A 339 0.16 24.42 -12.32
N ALA A 340 0.15 25.11 -13.46
CA ALA A 340 0.82 24.63 -14.67
C ALA A 340 2.34 24.50 -14.51
N GLY A 341 2.90 25.21 -13.54
CA GLY A 341 4.30 25.06 -13.13
C GLY A 341 4.67 23.70 -12.56
N GLU A 342 3.71 23.00 -11.94
CA GLU A 342 3.96 21.75 -11.22
C GLU A 342 4.15 20.61 -12.22
N ARG A 343 5.10 19.71 -11.97
CA ARG A 343 5.25 18.48 -12.76
C ARG A 343 4.43 17.39 -12.06
N ASP A 344 3.21 17.21 -12.53
CA ASP A 344 2.15 16.53 -11.77
C ASP A 344 0.98 16.30 -12.72
N PHE A 345 0.17 15.27 -12.50
CA PHE A 345 -1.00 15.02 -13.34
C PHE A 345 -1.91 16.24 -13.40
N TYR A 346 -2.21 16.84 -12.26
CA TYR A 346 -3.05 18.04 -12.21
C TYR A 346 -2.32 19.29 -12.70
N GLY A 347 -0.99 19.32 -12.55
CA GLY A 347 -0.17 20.35 -13.18
C GLY A 347 -0.15 20.27 -14.70
N PHE A 348 -0.10 19.05 -15.22
CA PHE A 348 -0.20 18.82 -16.66
C PHE A 348 -1.58 19.21 -17.22
N LEU A 349 -2.64 19.01 -16.45
CA LEU A 349 -3.99 19.39 -16.89
C LEU A 349 -4.13 20.91 -16.95
N ALA A 350 -3.76 21.58 -15.86
CA ALA A 350 -3.76 23.05 -15.79
C ALA A 350 -3.01 23.68 -16.96
N ALA A 351 -1.83 23.14 -17.26
CA ALA A 351 -1.04 23.55 -18.43
C ALA A 351 -1.84 23.37 -19.71
N ASP A 352 -2.41 22.18 -19.86
CA ASP A 352 -3.20 21.82 -21.03
C ASP A 352 -4.46 22.68 -21.21
N ARG A 353 -5.04 23.17 -20.11
CA ARG A 353 -6.16 24.11 -20.19
C ARG A 353 -5.73 25.47 -20.71
N LEU A 354 -4.56 25.94 -20.27
CA LEU A 354 -3.96 27.18 -20.78
C LEU A 354 -3.45 27.06 -22.22
N SER A 355 -3.26 25.83 -22.69
CA SER A 355 -2.66 25.50 -23.99
C SER A 355 -1.18 25.91 -24.03
N VAL A 356 -0.47 25.64 -22.92
CA VAL A 356 0.96 25.96 -22.78
C VAL A 356 1.76 24.67 -22.52
N PRO A 357 3.09 24.69 -22.79
CA PRO A 357 3.90 23.48 -22.61
C PRO A 357 4.10 23.05 -21.14
N TYR A 358 4.24 21.75 -20.95
CA TYR A 358 4.41 21.16 -19.63
C TYR A 358 5.82 21.49 -19.15
N LYS A 359 5.96 21.71 -17.84
CA LYS A 359 7.27 21.96 -17.22
C LYS A 359 7.73 20.72 -16.49
N LEU A 360 8.63 19.96 -17.11
CA LEU A 360 9.21 18.74 -16.50
C LEU A 360 10.27 19.12 -15.48
N GLY A 361 11.23 19.93 -15.89
CA GLY A 361 12.23 20.50 -14.98
C GLY A 361 13.22 19.49 -14.43
N ASN A 362 13.84 18.73 -15.33
CA ASN A 362 14.85 17.75 -14.95
C ASN A 362 16.07 18.48 -14.37
N ARG A 363 16.08 18.60 -13.05
CA ARG A 363 17.16 19.21 -12.28
C ARG A 363 17.82 18.12 -11.41
N PRO A 364 18.90 17.47 -11.92
CA PRO A 364 19.58 16.44 -11.12
C PRO A 364 20.12 16.96 -9.79
N ALA A 365 20.18 16.09 -8.79
CA ALA A 365 20.51 16.48 -7.41
C ALA A 365 22.00 16.78 -7.21
N HIS A 366 22.26 17.78 -6.38
CA HIS A 366 23.62 18.24 -6.07
C HIS A 366 24.15 17.44 -4.87
N ILE A 367 25.19 16.63 -5.09
CA ILE A 367 25.71 15.74 -4.05
C ILE A 367 27.11 16.18 -3.58
N ASP A 368 27.34 16.04 -2.29
CA ASP A 368 28.66 16.22 -1.69
C ASP A 368 29.50 14.95 -1.92
N PRO A 369 30.75 15.08 -2.42
CA PRO A 369 31.58 13.87 -2.62
C PRO A 369 31.90 13.08 -1.35
N ARG A 370 32.02 13.77 -0.21
CA ARG A 370 32.27 13.12 1.08
C ARG A 370 31.09 12.25 1.53
N VAL A 371 29.87 12.71 1.23
CA VAL A 371 28.65 11.95 1.52
C VAL A 371 28.55 10.72 0.62
N LEU A 372 28.85 10.88 -0.67
CA LEU A 372 28.87 9.74 -1.60
C LEU A 372 29.90 8.70 -1.17
N GLN A 373 31.09 9.16 -0.81
CA GLN A 373 32.19 8.30 -0.35
C GLN A 373 31.79 7.52 0.91
N ARG A 374 31.31 8.25 1.92
CA ARG A 374 30.83 7.68 3.18
C ARG A 374 29.80 6.55 2.96
N VAL A 375 28.82 6.82 2.09
CA VAL A 375 27.80 5.83 1.72
C VAL A 375 28.36 4.64 0.93
N ARG A 376 29.31 4.88 0.01
CA ARG A 376 29.95 3.79 -0.76
C ARG A 376 30.85 2.91 0.12
N ASN A 377 31.59 3.54 1.03
CA ASN A 377 32.47 2.82 1.97
C ASN A 377 31.73 2.07 3.08
N ALA A 378 30.53 2.54 3.45
CA ALA A 378 29.71 1.90 4.50
C ALA A 378 29.57 0.38 4.29
N ALA A 379 29.61 -0.37 5.38
CA ALA A 379 29.66 -1.83 5.34
C ALA A 379 28.45 -2.45 4.65
N SER A 380 27.26 -1.99 5.06
CA SER A 380 25.98 -2.42 4.47
C SER A 380 25.94 -2.28 2.95
N THR A 381 26.51 -1.18 2.46
CA THR A 381 26.66 -0.91 1.02
C THR A 381 27.64 -1.91 0.39
N ARG A 382 28.84 -2.02 0.97
CA ARG A 382 29.87 -2.94 0.44
C ARG A 382 29.41 -4.40 0.40
N ARG A 383 28.60 -4.80 1.39
CA ARG A 383 27.99 -6.12 1.40
C ARG A 383 27.01 -6.33 0.26
N ALA A 384 26.17 -5.32 0.02
CA ALA A 384 25.18 -5.35 -1.07
C ALA A 384 25.86 -5.41 -2.44
N MET A 385 26.89 -4.58 -2.62
CA MET A 385 27.74 -4.56 -3.83
C MET A 385 28.27 -5.96 -4.13
N GLU A 386 28.78 -6.63 -3.10
CA GLU A 386 29.30 -7.99 -3.22
C GLU A 386 28.23 -9.02 -3.60
N PHE A 387 27.05 -8.89 -3.03
CA PHE A 387 25.92 -9.77 -3.39
C PHE A 387 25.47 -9.59 -4.84
N PHE A 388 25.55 -8.35 -5.32
CA PHE A 388 25.17 -8.01 -6.71
C PHE A 388 26.16 -8.62 -7.72
N ASN A 389 27.45 -8.49 -7.42
CA ASN A 389 28.50 -9.10 -8.25
C ASN A 389 28.43 -10.64 -8.24
N ARG A 390 28.13 -11.22 -7.08
CA ARG A 390 27.94 -12.68 -6.96
C ARG A 390 26.71 -13.21 -7.70
N GLY A 391 25.74 -12.34 -7.96
CA GLY A 391 24.52 -12.72 -8.69
C GLY A 391 23.35 -13.08 -7.79
N GLU A 392 23.43 -12.70 -6.51
CA GLU A 392 22.28 -12.75 -5.60
C GLU A 392 21.58 -11.39 -5.60
N VAL A 393 20.55 -11.28 -6.44
CA VAL A 393 19.77 -10.06 -6.59
C VAL A 393 19.14 -9.70 -5.25
N ILE A 394 18.57 -10.72 -4.61
CA ILE A 394 17.64 -10.54 -3.51
C ILE A 394 18.35 -10.20 -2.21
N ASN A 395 19.51 -10.80 -1.98
CA ASN A 395 20.36 -10.49 -0.83
C ASN A 395 20.87 -9.06 -0.90
N ALA A 396 21.39 -8.69 -2.08
CA ALA A 396 21.87 -7.34 -2.36
C ALA A 396 20.78 -6.29 -2.14
N ARG A 397 19.58 -6.60 -2.63
CA ARG A 397 18.43 -5.73 -2.53
C ARG A 397 18.05 -5.51 -1.07
N ARG A 398 17.99 -6.60 -0.30
CA ARG A 398 17.65 -6.57 1.13
C ARG A 398 18.61 -5.70 1.95
N GLU A 399 19.90 -5.83 1.67
CA GLU A 399 20.94 -4.98 2.30
C GLU A 399 20.71 -3.49 2.04
N TRP A 400 20.24 -3.19 0.83
CA TRP A 400 19.98 -1.82 0.38
C TRP A 400 18.81 -1.19 1.14
N TYR A 401 17.68 -1.90 1.20
CA TYR A 401 16.47 -1.40 1.88
C TYR A 401 16.72 -1.12 3.35
N HIS A 402 17.28 -2.13 4.03
CA HIS A 402 17.54 -2.11 5.46
C HIS A 402 18.55 -1.02 5.88
N ALA A 403 19.59 -0.82 5.07
CA ALA A 403 20.56 0.28 5.30
C ALA A 403 19.88 1.65 5.25
N ALA A 404 19.05 1.84 4.21
CA ALA A 404 18.34 3.10 3.96
C ALA A 404 17.24 3.42 4.98
N ARG A 405 16.73 2.41 5.67
CA ARG A 405 15.74 2.58 6.75
C ARG A 405 16.17 3.60 7.83
N LEU A 406 17.47 3.86 8.01
CA LEU A 406 17.95 4.95 8.89
C LEU A 406 19.00 5.94 8.28
N PHE A 407 19.15 5.96 6.94
CA PHE A 407 19.93 6.99 6.23
C PHE A 407 19.14 8.30 6.15
N ASP A 408 19.81 9.43 6.34
CA ASP A 408 19.16 10.76 6.18
C ASP A 408 18.97 11.11 4.68
N ARG A 409 18.43 12.29 4.40
CA ARG A 409 18.02 12.66 3.03
C ARG A 409 19.20 12.72 2.05
N ASP A 410 20.30 13.34 2.48
CA ASP A 410 21.53 13.40 1.68
C ASP A 410 22.07 12.00 1.38
N GLU A 411 22.13 11.19 2.44
CA GLU A 411 22.61 9.81 2.36
C GLU A 411 21.74 8.95 1.44
N LEU A 412 20.45 9.21 1.41
CA LEU A 412 19.52 8.50 0.51
C LEU A 412 19.77 8.80 -0.96
N ILE A 413 19.99 10.08 -1.28
CA ILE A 413 20.21 10.51 -2.68
C ILE A 413 21.52 9.93 -3.19
N ALA A 414 22.54 9.95 -2.33
CA ALA A 414 23.82 9.28 -2.60
C ALA A 414 23.61 7.80 -2.89
N GLN A 415 22.77 7.16 -2.10
CA GLN A 415 22.43 5.74 -2.31
C GLN A 415 21.71 5.52 -3.64
N ALA A 416 20.85 6.48 -4.00
CA ALA A 416 20.17 6.46 -5.31
C ALA A 416 21.15 6.53 -6.47
N ARG A 417 22.07 7.50 -6.42
CA ARG A 417 22.98 7.75 -7.54
C ARG A 417 23.98 6.63 -7.78
N LEU A 418 24.42 5.98 -6.70
CA LEU A 418 25.29 4.80 -6.81
C LEU A 418 24.61 3.61 -7.51
N ALA A 419 23.34 3.39 -7.20
CA ALA A 419 22.57 2.28 -7.80
C ALA A 419 22.19 2.55 -9.27
N TYR A 420 21.97 3.82 -9.61
CA TYR A 420 21.74 4.22 -11.00
C TYR A 420 22.96 3.95 -11.87
N ASP A 421 24.15 4.26 -11.34
CA ASP A 421 25.42 4.04 -12.06
C ASP A 421 25.83 2.56 -12.19
N MET A 422 25.16 1.66 -11.46
CA MET A 422 25.26 0.21 -11.67
C MET A 422 24.17 -0.34 -12.62
N GLN A 423 23.34 0.54 -13.20
CA GLN A 423 22.17 0.13 -14.00
C GLN A 423 21.29 -0.85 -13.22
N TRP A 424 20.99 -0.46 -11.98
CA TRP A 424 20.17 -1.25 -11.07
C TRP A 424 19.02 -0.31 -10.70
N TYR A 425 17.99 -0.33 -11.53
CA TYR A 425 17.07 0.80 -11.66
C TYR A 425 16.02 0.91 -10.55
N PHE A 426 15.48 -0.22 -10.08
CA PHE A 426 14.45 -0.19 -9.05
C PHE A 426 14.94 0.36 -7.70
N PRO A 427 16.07 -0.15 -7.17
CA PRO A 427 16.63 0.43 -5.94
C PRO A 427 16.98 1.91 -6.02
N ALA A 428 17.42 2.36 -7.21
CA ALA A 428 17.68 3.77 -7.47
C ALA A 428 16.38 4.58 -7.42
N ILE A 429 15.35 4.08 -8.08
CA ILE A 429 14.00 4.66 -8.00
C ILE A 429 13.53 4.68 -6.54
N ARG A 430 13.71 3.56 -5.84
CA ARG A 430 13.19 3.39 -4.49
C ARG A 430 13.87 4.34 -3.52
N SER A 431 15.20 4.39 -3.58
CA SER A 431 16.02 5.21 -2.69
C SER A 431 15.76 6.72 -2.87
N ILE A 432 15.66 7.17 -4.13
CA ILE A 432 15.39 8.58 -4.44
C ILE A 432 13.96 9.02 -4.01
N SER A 433 13.03 8.06 -4.00
CA SER A 433 11.65 8.30 -3.58
C SER A 433 11.52 8.52 -2.07
N GLN A 434 12.20 7.69 -1.28
CA GLN A 434 12.24 7.90 0.19
C GLN A 434 12.99 9.19 0.57
N ALA A 435 13.88 9.66 -0.30
CA ALA A 435 14.50 10.99 -0.15
C ALA A 435 13.53 12.12 -0.51
N GLN A 436 12.57 11.81 -1.39
CA GLN A 436 11.61 12.76 -1.94
C GLN A 436 12.31 13.88 -2.75
N TYR A 437 13.38 13.52 -3.45
CA TYR A 437 13.96 14.39 -4.47
C TYR A 437 13.31 14.01 -5.79
N TRP A 438 12.31 14.80 -6.17
CA TRP A 438 11.43 14.45 -7.27
C TRP A 438 11.99 14.87 -8.63
N ASP A 439 12.76 15.96 -8.67
CA ASP A 439 13.20 16.57 -9.94
C ASP A 439 14.28 15.78 -10.73
N ASP A 440 14.91 14.78 -10.14
CA ASP A 440 15.92 13.98 -10.84
C ASP A 440 15.24 12.94 -11.73
N LEU A 441 14.83 13.37 -12.92
CA LEU A 441 14.03 12.53 -13.83
C LEU A 441 14.86 11.49 -14.61
N ASP A 442 16.18 11.58 -14.56
CA ASP A 442 17.06 10.57 -15.14
C ASP A 442 16.96 9.28 -14.33
N ILE A 443 17.09 9.43 -13.01
CA ILE A 443 17.04 8.31 -12.07
C ILE A 443 15.63 7.76 -11.88
N ARG A 444 14.63 8.65 -11.82
CA ARG A 444 13.24 8.25 -11.61
C ARG A 444 12.57 7.57 -12.80
N PHE A 445 12.97 7.92 -14.02
CA PHE A 445 12.36 7.36 -15.23
C PHE A 445 13.42 6.88 -16.22
N PRO A 446 14.12 5.78 -15.89
CA PRO A 446 15.15 5.29 -16.80
C PRO A 446 14.56 4.51 -17.96
N MET A 447 15.39 4.26 -18.97
CA MET A 447 14.98 3.56 -20.19
C MET A 447 15.18 2.03 -20.10
N ALA A 448 15.36 1.51 -18.88
CA ALA A 448 15.25 0.09 -18.56
C ALA A 448 14.45 -0.76 -19.57
N HIS A 449 15.13 -1.75 -20.16
CA HIS A 449 14.55 -2.63 -21.17
C HIS A 449 14.03 -1.87 -22.41
N ARG A 450 14.77 -0.83 -22.83
CA ARG A 450 14.38 0.00 -23.97
C ARG A 450 14.11 -0.83 -25.22
N ALA A 451 15.15 -1.50 -25.71
CA ALA A 451 15.08 -2.29 -26.95
C ALA A 451 13.85 -3.19 -26.97
N THR A 452 13.66 -3.93 -25.88
CA THR A 452 12.53 -4.85 -25.72
C THR A 452 11.19 -4.13 -25.68
N LEU A 453 11.13 -3.01 -24.97
CA LEU A 453 9.89 -2.24 -24.82
C LEU A 453 9.46 -1.56 -26.11
N VAL A 454 10.41 -0.98 -26.84
CA VAL A 454 10.09 -0.32 -28.10
C VAL A 454 9.68 -1.37 -29.14
N ARG A 455 10.38 -2.49 -29.18
CA ARG A 455 10.07 -3.58 -30.11
C ARG A 455 8.62 -4.08 -29.97
N GLU A 456 8.24 -4.46 -28.76
CA GLU A 456 6.91 -5.02 -28.52
C GLU A 456 5.76 -3.99 -28.69
N ALA A 457 6.07 -2.72 -28.49
CA ALA A 457 5.11 -1.63 -28.75
C ALA A 457 4.78 -1.48 -30.24
N LYS A 458 5.82 -1.53 -31.07
CA LYS A 458 5.66 -1.43 -32.53
C LYS A 458 4.89 -2.61 -33.12
N ASN A 459 5.05 -3.79 -32.51
CA ASN A 459 4.33 -5.01 -32.91
C ASN A 459 2.81 -4.91 -32.83
N ARG A 460 2.32 -4.10 -31.88
CA ARG A 460 0.89 -4.02 -31.55
C ARG A 460 0.27 -2.61 -31.74
N GLY A 461 1.00 -1.72 -32.41
CA GLY A 461 0.50 -0.39 -32.79
C GLY A 461 0.25 0.58 -31.64
N LEU A 462 0.97 0.36 -30.54
CA LEU A 462 0.86 1.19 -29.35
C LEU A 462 2.07 2.10 -29.30
N HIS A 463 1.91 3.27 -28.68
CA HIS A 463 3.01 4.24 -28.57
C HIS A 463 4.04 3.73 -27.56
N SER A 464 5.31 3.88 -27.89
CA SER A 464 6.42 3.47 -27.02
C SER A 464 6.21 4.00 -25.60
N SER A 465 6.01 5.31 -25.50
CA SER A 465 5.84 6.02 -24.22
C SER A 465 4.74 5.47 -23.31
N TRP A 466 3.67 4.96 -23.91
CA TRP A 466 2.59 4.37 -23.13
C TRP A 466 3.01 3.06 -22.45
N ILE A 467 3.79 2.22 -23.12
CA ILE A 467 4.27 0.96 -22.49
C ILE A 467 5.36 1.25 -21.44
N PHE A 468 6.27 2.19 -21.73
CA PHE A 468 7.24 2.62 -20.71
C PHE A 468 6.57 3.09 -19.43
N ALA A 469 5.47 3.84 -19.59
CA ALA A 469 4.70 4.37 -18.47
C ALA A 469 4.03 3.27 -17.65
N ILE A 470 3.46 2.29 -18.34
CA ILE A 470 2.78 1.16 -17.68
C ILE A 470 3.77 0.36 -16.82
N THR A 471 4.88 -0.07 -17.40
CA THR A 471 5.82 -0.96 -16.69
C THR A 471 6.50 -0.20 -15.55
N ARG A 472 6.78 1.09 -15.77
CA ARG A 472 7.27 1.97 -14.70
C ARG A 472 6.28 2.09 -13.55
N GLN A 473 5.00 2.24 -13.86
CA GLN A 473 3.96 2.34 -12.84
C GLN A 473 3.70 1.00 -12.16
N GLN A 474 3.68 -0.10 -12.91
CA GLN A 474 3.36 -1.41 -12.34
C GLN A 474 4.49 -2.04 -11.50
N SER A 475 5.74 -1.98 -11.98
CA SER A 475 6.89 -2.60 -11.28
C SER A 475 8.00 -1.65 -10.78
N ALA A 476 8.11 -0.46 -11.37
CA ALA A 476 9.32 0.38 -11.30
C ALA A 476 10.59 -0.39 -11.72
N PHE A 477 10.43 -1.25 -12.73
CA PHE A 477 11.51 -2.05 -13.32
C PHE A 477 12.13 -3.15 -12.43
N MET A 478 11.40 -3.56 -11.38
CA MET A 478 11.75 -4.75 -10.59
C MET A 478 11.18 -5.98 -11.30
N SER A 479 12.03 -6.68 -12.05
CA SER A 479 11.59 -7.75 -12.94
C SER A 479 11.05 -9.01 -12.27
N ASP A 480 11.28 -9.17 -10.96
CA ASP A 480 10.71 -10.28 -10.18
C ASP A 480 9.69 -9.82 -9.12
N ALA A 481 8.89 -8.80 -9.48
CA ALA A 481 7.87 -8.26 -8.56
C ALA A 481 6.72 -9.22 -8.35
N ARG A 482 5.95 -8.97 -7.28
CA ARG A 482 4.84 -9.82 -6.89
C ARG A 482 3.89 -9.06 -5.97
N SER A 483 2.65 -8.86 -6.42
CA SER A 483 1.66 -8.08 -5.68
C SER A 483 1.04 -8.88 -4.54
N GLY A 484 0.16 -8.24 -3.77
CA GLY A 484 -0.62 -8.91 -2.71
C GLY A 484 -1.25 -10.24 -3.12
N VAL A 485 -1.79 -10.30 -4.34
CA VAL A 485 -2.47 -11.49 -4.86
C VAL A 485 -1.82 -12.02 -6.15
N GLY A 486 -0.50 -11.93 -6.24
CA GLY A 486 0.26 -12.67 -7.24
C GLY A 486 0.28 -12.17 -8.67
N ALA A 487 0.14 -10.86 -8.87
CA ALA A 487 0.44 -10.27 -10.18
C ALA A 487 1.96 -10.21 -10.29
N THR A 488 2.51 -10.70 -11.40
CA THR A 488 3.95 -11.00 -11.47
C THR A 488 4.67 -10.22 -12.58
N GLY A 489 5.89 -9.77 -12.27
CA GLY A 489 6.82 -9.25 -13.27
C GLY A 489 6.67 -7.79 -13.66
N LEU A 490 7.50 -7.37 -14.61
CA LEU A 490 7.63 -5.97 -15.05
C LEU A 490 6.31 -5.26 -15.40
N MET A 491 5.34 -6.01 -15.92
CA MET A 491 4.02 -5.48 -16.27
C MET A 491 2.89 -6.09 -15.42
N GLN A 492 3.27 -6.66 -14.28
CA GLN A 492 2.35 -7.24 -13.28
C GLN A 492 1.18 -8.04 -13.86
N LEU A 493 1.54 -9.10 -14.60
CA LEU A 493 0.57 -9.99 -15.22
C LEU A 493 -0.04 -10.90 -14.17
N MET A 494 -1.34 -11.11 -14.30
CA MET A 494 -2.06 -12.02 -13.44
C MET A 494 -1.87 -13.41 -14.03
N PRO A 495 -1.65 -14.43 -13.18
CA PRO A 495 -1.57 -15.80 -13.67
C PRO A 495 -2.70 -16.21 -14.62
N GLY A 496 -3.95 -15.94 -14.24
CA GLY A 496 -5.12 -16.22 -15.09
C GLY A 496 -5.08 -15.50 -16.43
N THR A 497 -4.72 -14.21 -16.40
CA THR A 497 -4.60 -13.38 -17.61
C THR A 497 -3.39 -13.81 -18.47
N ALA A 498 -2.25 -14.03 -17.81
CA ALA A 498 -1.02 -14.47 -18.47
C ALA A 498 -1.23 -15.76 -19.25
N LYS A 499 -1.81 -16.75 -18.58
CA LYS A 499 -2.11 -18.05 -19.18
C LYS A 499 -3.08 -17.92 -20.38
N GLU A 500 -4.06 -17.01 -20.27
CA GLU A 500 -5.06 -16.79 -21.33
C GLU A 500 -4.45 -16.09 -22.54
N THR A 501 -3.60 -15.10 -22.29
CA THR A 501 -2.89 -14.36 -23.34
C THR A 501 -1.83 -15.21 -24.04
N SER A 502 -1.30 -16.20 -23.32
CA SER A 502 -0.33 -17.14 -23.88
C SER A 502 -0.96 -18.02 -24.97
N ARG A 503 -2.13 -18.58 -24.66
CA ARG A 503 -2.89 -19.41 -25.58
C ARG A 503 -3.47 -18.61 -26.75
N LYS A 504 -4.03 -17.43 -26.46
CA LYS A 504 -4.69 -16.62 -27.49
C LYS A 504 -3.69 -16.08 -28.52
N PHE A 505 -2.74 -15.26 -28.06
CA PHE A 505 -1.77 -14.59 -28.96
C PHE A 505 -0.60 -15.47 -29.43
N GLY A 506 -0.61 -16.76 -29.08
CA GLY A 506 0.41 -17.70 -29.55
C GLY A 506 1.81 -17.43 -29.01
N ILE A 507 1.88 -16.84 -27.82
CA ILE A 507 3.14 -16.53 -27.16
C ILE A 507 3.40 -17.67 -26.15
N PRO A 508 4.62 -18.29 -26.18
CA PRO A 508 4.85 -19.45 -25.33
C PRO A 508 5.17 -19.08 -23.87
N LEU A 509 4.45 -19.73 -22.94
CA LEU A 509 4.66 -19.57 -21.50
C LEU A 509 4.86 -20.95 -20.86
N ALA A 510 5.92 -21.09 -20.06
CA ALA A 510 6.21 -22.33 -19.34
C ALA A 510 5.39 -22.43 -18.05
N SER A 511 5.56 -21.44 -17.18
CA SER A 511 5.01 -21.45 -15.82
C SER A 511 4.56 -20.06 -15.42
N THR A 512 3.72 -19.98 -14.38
CA THR A 512 3.43 -18.73 -13.65
C THR A 512 4.75 -18.07 -13.18
N GLN A 513 5.71 -18.90 -12.79
CA GLN A 513 7.02 -18.44 -12.31
C GLN A 513 7.97 -17.92 -13.43
N GLN A 514 7.66 -18.21 -14.71
CA GLN A 514 8.47 -17.71 -15.85
C GLN A 514 8.23 -16.22 -16.20
N LEU A 515 7.21 -15.61 -15.59
CA LEU A 515 6.95 -14.17 -15.72
C LEU A 515 8.06 -13.23 -15.20
N ILE A 516 9.10 -13.78 -14.58
CA ILE A 516 10.26 -13.00 -14.12
C ILE A 516 11.13 -12.60 -15.33
N VAL A 517 11.16 -13.45 -16.35
CA VAL A 517 11.99 -13.21 -17.54
C VAL A 517 11.43 -11.98 -18.24
N PRO A 518 12.21 -10.88 -18.34
CA PRO A 518 11.69 -9.64 -18.92
C PRO A 518 11.06 -9.74 -20.31
N ASP A 519 11.68 -10.48 -21.24
CA ASP A 519 11.12 -10.63 -22.59
C ASP A 519 9.77 -11.37 -22.60
N VAL A 520 9.66 -12.43 -21.79
CA VAL A 520 8.39 -13.14 -21.58
C VAL A 520 7.29 -12.21 -21.02
N ASN A 521 7.65 -11.41 -20.01
CA ASN A 521 6.71 -10.52 -19.33
C ASN A 521 6.24 -9.39 -20.26
N ILE A 522 7.18 -8.76 -20.94
CA ILE A 522 6.88 -7.65 -21.88
C ILE A 522 6.09 -8.12 -23.10
N ARG A 523 6.37 -9.31 -23.61
CA ARG A 523 5.64 -9.86 -24.77
C ARG A 523 4.15 -9.94 -24.51
N LEU A 524 3.75 -10.77 -23.56
CA LEU A 524 2.34 -11.00 -23.27
C LEU A 524 1.76 -10.03 -22.23
N GLY A 525 2.53 -9.01 -21.84
CA GLY A 525 1.97 -7.82 -21.20
C GLY A 525 1.46 -6.86 -22.26
N ALA A 526 2.32 -6.55 -23.24
CA ALA A 526 1.98 -5.67 -24.37
C ALA A 526 0.88 -6.24 -25.25
N ALA A 527 0.74 -7.57 -25.26
CA ALA A 527 -0.36 -8.26 -25.93
C ALA A 527 -1.71 -7.94 -25.30
N TYR A 528 -1.79 -8.13 -23.98
CA TYR A 528 -3.02 -7.81 -23.24
C TYR A 528 -3.37 -6.34 -23.37
N LEU A 529 -2.35 -5.48 -23.29
CA LEU A 529 -2.52 -4.04 -23.43
C LEU A 529 -3.17 -3.65 -24.77
N SER A 530 -2.67 -4.20 -25.88
CA SER A 530 -3.25 -3.94 -27.22
C SER A 530 -4.65 -4.55 -27.38
N GLN A 531 -4.88 -5.66 -26.68
CA GLN A 531 -6.19 -6.30 -26.61
C GLN A 531 -7.23 -5.39 -25.95
N VAL A 532 -6.87 -4.73 -24.84
CA VAL A 532 -7.74 -3.73 -24.19
C VAL A 532 -7.68 -2.35 -24.84
N HIS A 533 -6.57 -2.02 -25.52
CA HIS A 533 -6.51 -0.80 -26.34
C HIS A 533 -7.61 -0.87 -27.40
N SER A 534 -7.66 -1.99 -28.12
CA SER A 534 -8.67 -2.23 -29.16
C SER A 534 -10.10 -2.30 -28.64
N GLN A 535 -10.26 -2.84 -27.45
CA GLN A 535 -11.59 -2.97 -26.83
C GLN A 535 -12.27 -1.62 -26.58
N PHE A 536 -11.48 -0.55 -26.43
CA PHE A 536 -12.01 0.79 -26.18
C PHE A 536 -11.55 1.79 -27.25
N ASN A 537 -11.68 1.38 -28.51
CA ASN A 537 -11.35 2.22 -29.69
C ASN A 537 -10.09 3.07 -29.52
N GLY A 538 -9.04 2.44 -29.01
CA GLY A 538 -7.75 3.08 -28.81
C GLY A 538 -7.72 4.28 -27.87
N ASN A 539 -8.58 4.25 -26.84
CA ASN A 539 -8.60 5.26 -25.79
C ASN A 539 -7.67 4.83 -24.65
N ARG A 540 -6.49 5.44 -24.57
CA ARG A 540 -5.49 5.12 -23.55
C ARG A 540 -5.99 5.27 -22.10
N VAL A 541 -6.89 6.24 -21.88
CA VAL A 541 -7.44 6.51 -20.55
C VAL A 541 -8.27 5.33 -20.09
N LEU A 542 -9.22 4.93 -20.93
CA LEU A 542 -10.07 3.77 -20.66
C LEU A 542 -9.23 2.49 -20.62
N ALA A 543 -8.50 2.23 -21.72
CA ALA A 543 -7.62 1.07 -21.85
C ALA A 543 -6.68 0.90 -20.66
N SER A 544 -6.09 2.00 -20.19
CA SER A 544 -5.23 1.95 -19.01
C SER A 544 -6.01 1.35 -17.83
N ALA A 545 -7.11 2.01 -17.48
CA ALA A 545 -7.98 1.54 -16.38
C ALA A 545 -8.40 0.07 -16.54
N ALA A 546 -8.71 -0.33 -17.78
CA ALA A 546 -9.11 -1.71 -18.08
C ALA A 546 -8.01 -2.70 -17.77
N TYR A 547 -6.77 -2.28 -18.05
CA TYR A 547 -5.57 -3.07 -17.77
C TYR A 547 -5.42 -3.39 -16.26
N ASN A 548 -5.65 -2.39 -15.41
CA ASN A 548 -5.47 -2.52 -13.98
C ASN A 548 -6.71 -3.09 -13.27
N ALA A 549 -7.89 -2.70 -13.73
CA ALA A 549 -9.15 -3.03 -13.03
C ALA A 549 -10.04 -4.07 -13.72
N GLY A 550 -9.78 -4.39 -14.98
CA GLY A 550 -10.57 -5.37 -15.73
C GLY A 550 -11.67 -4.70 -16.54
N PRO A 551 -11.74 -4.99 -17.86
CA PRO A 551 -12.65 -4.29 -18.78
C PRO A 551 -14.10 -4.15 -18.30
N GLY A 552 -14.61 -5.17 -17.61
CA GLY A 552 -15.97 -5.13 -17.08
C GLY A 552 -16.24 -4.07 -16.03
N ARG A 553 -15.21 -3.69 -15.27
CA ARG A 553 -15.32 -2.57 -14.32
C ARG A 553 -15.32 -1.23 -15.04
N VAL A 554 -14.48 -1.10 -16.06
CA VAL A 554 -14.46 0.11 -16.90
C VAL A 554 -15.81 0.29 -17.60
N ARG A 555 -16.37 -0.79 -18.11
CA ARG A 555 -17.71 -0.76 -18.71
C ARG A 555 -18.76 -0.33 -17.69
N GLN A 556 -18.66 -0.87 -16.47
CA GLN A 556 -19.49 -0.45 -15.32
C GLN A 556 -19.38 1.04 -15.05
N TRP A 557 -18.16 1.55 -15.00
CA TRP A 557 -17.91 2.97 -14.72
C TRP A 557 -18.21 3.90 -15.91
N LEU A 558 -18.59 3.32 -17.05
CA LEU A 558 -19.06 4.07 -18.21
C LEU A 558 -20.56 3.99 -18.38
N LYS A 559 -21.26 3.38 -17.42
CA LYS A 559 -22.69 3.12 -17.57
C LYS A 559 -23.50 4.40 -17.50
N ASP A 560 -24.40 4.55 -18.47
CA ASP A 560 -25.35 5.66 -18.55
C ASP A 560 -24.72 7.04 -18.68
N THR A 561 -23.68 7.12 -19.50
CA THR A 561 -22.95 8.38 -19.73
C THR A 561 -23.32 8.99 -21.08
N ARG A 562 -22.99 10.27 -21.21
CA ARG A 562 -23.26 11.04 -22.43
C ARG A 562 -22.36 12.27 -22.42
N HIS A 563 -21.43 12.35 -23.38
CA HIS A 563 -20.44 13.43 -23.48
C HIS A 563 -19.71 13.71 -22.16
N LEU A 564 -19.25 12.65 -21.49
CA LEU A 564 -18.52 12.80 -20.23
C LEU A 564 -17.07 13.14 -20.52
N ALA A 565 -16.58 14.21 -19.88
CA ALA A 565 -15.19 14.64 -20.03
C ALA A 565 -14.23 13.67 -19.35
N PHE A 566 -13.02 13.56 -19.91
CA PHE A 566 -12.02 12.57 -19.47
C PHE A 566 -11.50 12.86 -18.06
N ASP A 567 -11.29 14.13 -17.72
CA ASP A 567 -10.75 14.51 -16.40
C ASP A 567 -11.75 14.21 -15.28
N VAL A 568 -13.03 14.48 -15.56
CA VAL A 568 -14.13 14.12 -14.66
C VAL A 568 -14.22 12.61 -14.47
N TRP A 569 -14.17 11.87 -15.57
CA TRP A 569 -14.22 10.42 -15.49
C TRP A 569 -13.10 9.87 -14.65
N ILE A 570 -11.86 10.29 -14.93
CA ILE A 570 -10.71 9.84 -14.15
C ILE A 570 -10.92 10.17 -12.68
N GLU A 571 -11.39 11.37 -12.38
CA GLU A 571 -11.58 11.77 -10.99
C GLU A 571 -12.62 10.94 -10.25
N THR A 572 -13.64 10.49 -10.95
CA THR A 572 -14.74 9.73 -10.35
C THR A 572 -14.63 8.21 -10.58
N ILE A 573 -13.40 7.68 -10.65
CA ILE A 573 -13.20 6.23 -10.65
C ILE A 573 -13.39 5.76 -9.21
N PRO A 574 -14.30 4.78 -8.97
CA PRO A 574 -14.59 4.25 -7.63
C PRO A 574 -13.40 3.71 -6.83
N PHE A 575 -12.46 3.06 -7.51
CA PHE A 575 -11.28 2.48 -6.85
C PHE A 575 -10.19 3.54 -6.69
N ASP A 576 -9.66 3.67 -5.48
CA ASP A 576 -8.52 4.56 -5.22
C ASP A 576 -7.26 4.11 -5.97
N GLU A 577 -7.00 2.80 -5.95
CA GLU A 577 -5.83 2.20 -6.62
C GLU A 577 -5.80 2.48 -8.12
N THR A 578 -6.94 2.25 -8.77
CA THR A 578 -7.06 2.40 -10.21
C THR A 578 -7.01 3.85 -10.64
N ARG A 579 -7.56 4.74 -9.82
CA ARG A 579 -7.53 6.18 -10.13
C ARG A 579 -6.11 6.72 -10.14
N GLN A 580 -5.35 6.46 -9.07
CA GLN A 580 -3.93 6.90 -9.02
C GLN A 580 -3.13 6.28 -10.15
N TYR A 581 -3.38 5.00 -10.38
CA TYR A 581 -2.73 4.26 -11.47
C TYR A 581 -2.91 4.94 -12.85
N VAL A 582 -4.12 5.38 -13.16
CA VAL A 582 -4.40 6.05 -14.44
C VAL A 582 -3.70 7.42 -14.50
N GLN A 583 -3.83 8.20 -13.43
CA GLN A 583 -3.16 9.50 -13.33
C GLN A 583 -1.64 9.39 -13.46
N ASN A 584 -1.07 8.31 -12.92
CA ASN A 584 0.37 8.03 -13.04
C ASN A 584 0.79 7.65 -14.46
N VAL A 585 0.06 6.72 -15.08
CA VAL A 585 0.41 6.21 -16.43
C VAL A 585 0.39 7.32 -17.46
N LEU A 586 -0.65 8.13 -17.43
CA LEU A 586 -0.76 9.26 -18.35
C LEU A 586 0.37 10.26 -18.11
N SER A 587 0.60 10.61 -16.84
CA SER A 587 1.73 11.48 -16.48
C SER A 587 3.09 10.93 -16.89
N TYR A 588 3.32 9.65 -16.61
CA TYR A 588 4.60 9.02 -16.96
C TYR A 588 4.77 8.94 -18.46
N ALA A 589 3.67 8.78 -19.19
CA ALA A 589 3.70 8.75 -20.65
C ALA A 589 4.04 10.11 -21.26
N VAL A 590 3.70 11.20 -20.58
CA VAL A 590 4.18 12.53 -20.96
C VAL A 590 5.70 12.58 -20.80
N ILE A 591 6.18 12.18 -19.61
CA ILE A 591 7.61 12.22 -19.28
C ILE A 591 8.45 11.31 -20.19
N TYR A 592 8.00 10.08 -20.40
CA TYR A 592 8.68 9.16 -21.32
C TYR A 592 8.58 9.61 -22.79
N GLY A 593 7.52 10.34 -23.15
CA GLY A 593 7.38 10.92 -24.49
C GLY A 593 8.51 11.89 -24.85
N GLN A 594 8.83 12.80 -23.92
CA GLN A 594 9.96 13.71 -24.06
C GLN A 594 11.27 12.92 -24.20
N LYS A 595 11.48 11.96 -23.30
CA LYS A 595 12.70 11.16 -23.28
C LYS A 595 12.88 10.21 -24.47
N LEU A 596 11.83 9.90 -25.21
CA LEU A 596 11.94 9.15 -26.47
C LEU A 596 11.95 10.08 -27.70
N ASN A 597 12.06 11.40 -27.46
CA ASN A 597 11.71 12.45 -28.43
C ASN A 597 10.56 12.04 -29.37
N ALA A 598 9.43 11.70 -28.75
CA ALA A 598 8.15 11.55 -29.43
C ALA A 598 7.08 12.15 -28.50
N PRO A 599 7.02 13.51 -28.44
CA PRO A 599 6.12 14.26 -27.57
C PRO A 599 4.68 13.76 -27.48
N GLN A 600 4.23 13.50 -26.25
CA GLN A 600 2.92 12.97 -25.95
C GLN A 600 2.19 14.04 -25.13
N PRO A 601 1.04 14.55 -25.60
CA PRO A 601 0.22 15.38 -24.71
C PRO A 601 -0.45 14.50 -23.65
N ILE A 602 -0.95 15.12 -22.58
CA ILE A 602 -1.51 14.37 -21.47
C ILE A 602 -2.64 13.44 -21.95
N VAL A 603 -3.55 13.97 -22.77
CA VAL A 603 -4.54 13.14 -23.50
C VAL A 603 -4.57 13.54 -24.97
N ASP A 604 -4.84 12.55 -25.81
CA ASP A 604 -5.09 12.78 -27.24
C ASP A 604 -6.47 13.42 -27.46
N TRP A 605 -6.65 14.01 -28.64
CA TRP A 605 -7.89 14.70 -29.03
C TRP A 605 -9.14 13.83 -28.93
N HIS A 606 -9.02 12.59 -29.38
CA HIS A 606 -10.14 11.63 -29.38
C HIS A 606 -10.42 11.00 -28.01
N GLU A 607 -9.57 11.26 -27.02
CA GLU A 607 -9.77 10.74 -25.66
C GLU A 607 -10.53 11.71 -24.74
N ARG A 608 -10.80 12.93 -25.17
CA ARG A 608 -11.26 13.98 -24.26
C ARG A 608 -12.72 13.89 -23.83
N TYR A 609 -13.54 13.19 -24.62
CA TYR A 609 -14.95 12.97 -24.31
C TYR A 609 -15.34 11.54 -24.69
N PHE A 610 -16.09 10.88 -23.81
CA PHE A 610 -16.61 9.53 -24.12
C PHE A 610 -17.87 9.15 -23.33
N ASP A 611 -18.57 8.13 -23.83
CA ASP A 611 -19.83 7.64 -23.28
C ASP A 611 -20.06 6.18 -23.66
N ASP A 612 -21.11 5.56 -23.10
CA ASP A 612 -21.60 4.25 -23.57
C ASP A 612 -22.88 4.42 -24.42
N PHE A 613 -22.99 5.57 -25.08
CA PHE A 613 -24.23 6.02 -25.71
C PHE A 613 -24.25 5.65 -27.20
N ALA B 1 -6.84 -5.13 -8.98
CA ALA B 1 -7.42 -4.02 -8.22
C ALA B 1 -8.83 -4.37 -7.74
#